data_6EX7
#
_entry.id   6EX7
#
_cell.length_a   145.062
_cell.length_b   39.220
_cell.length_c   75.233
_cell.angle_alpha   90.00
_cell.angle_beta   99.99
_cell.angle_gamma   90.00
#
_symmetry.space_group_name_H-M   'C 1 2 1'
#
loop_
_entity.id
_entity.type
_entity.pdbx_description
1 polymer 'Metallo-beta-lactamase type 2'
2 non-polymer 'CADMIUM ION'
3 non-polymer 'CHLORIDE ION'
4 non-polymer 'UNKNOWN LIGAND'
5 non-polymer 'TETRAETHYLENE GLYCOL'
6 non-polymer 2-[2-(2-METHOXY-ETHOXY)-ETHOXY]-ETHOXYL
7 non-polymer 1,2-ETHANEDIOL
8 water water
#
_entity_poly.entity_id   1
_entity_poly.type   'polypeptide(L)'
_entity_poly.pdbx_seq_one_letter_code
;SNAIRPTIGQQMETGDQRFGDLVFRQLAPNVWQHTSYLDMPGFGAVASNGLIVRDGGRVLVVDTAWTDDQTAQILNWIKQ
EINLPVALAVVTHAHQDKMGGMDALHAAGIATYANALSNQLAPQEGMVAAQHSLTFAANGWVEPATAPNFGPLKVFYPGP
GHTSDNITVGIDGTDIAFGGCLIKDSKAKSLGNLGDADTEHYAASARAFGAAFPKASMIVMSHSAPDSRAAITHTARMAD
KLR
;
_entity_poly.pdbx_strand_id   A,B
#
loop_
_chem_comp.id
_chem_comp.type
_chem_comp.name
_chem_comp.formula
CD non-polymer 'CADMIUM ION' 'Cd 2'
CL non-polymer 'CHLORIDE ION' 'Cl -1'
EDO non-polymer 1,2-ETHANEDIOL 'C2 H6 O2'
PG4 non-polymer 'TETRAETHYLENE GLYCOL' 'C8 H18 O5'
TOE non-polymer 2-[2-(2-METHOXY-ETHOXY)-ETHOXY]-ETHOXYL 'C7 H16 O4'
UNL non-polymer 'UNKNOWN LIGAND' ?
#
# COMPACT_ATOMS: atom_id res chain seq x y z
N ILE A 4 17.95 -28.63 8.31
CA ILE A 4 18.49 -27.98 7.07
C ILE A 4 19.16 -28.99 6.12
N ARG A 5 20.12 -29.75 6.64
CA ARG A 5 20.99 -30.59 5.80
C ARG A 5 20.22 -31.64 4.96
N PRO A 6 19.30 -32.43 5.59
CA PRO A 6 18.51 -33.38 4.80
C PRO A 6 17.67 -32.73 3.67
N THR A 7 16.99 -31.64 4.01
CA THR A 7 16.13 -30.98 3.06
C THR A 7 16.90 -30.33 1.89
N ILE A 8 18.10 -29.78 2.16
CA ILE A 8 18.96 -29.25 1.07
C ILE A 8 19.35 -30.34 0.05
N GLY A 9 19.68 -31.53 0.55
CA GLY A 9 20.00 -32.71 -0.28
C GLY A 9 18.82 -33.15 -1.16
N GLN A 10 17.63 -33.27 -0.57
CA GLN A 10 16.40 -33.61 -1.30
C GLN A 10 16.04 -32.56 -2.36
N GLN A 11 16.27 -31.28 -2.05
CA GLN A 11 15.93 -30.17 -2.95
C GLN A 11 16.84 -30.02 -4.18
N MET A 12 18.11 -30.42 -4.08
CA MET A 12 19.08 -30.12 -5.15
C MET A 12 18.89 -30.91 -6.47
N GLU A 13 19.02 -30.21 -7.62
CA GLU A 13 18.94 -30.79 -8.98
C GLU A 13 20.20 -30.42 -9.79
N THR A 14 20.36 -31.01 -10.98
CA THR A 14 21.65 -31.06 -11.70
C THR A 14 22.46 -29.74 -11.80
N GLY A 15 21.80 -28.63 -12.10
CA GLY A 15 22.49 -27.32 -12.27
C GLY A 15 22.82 -26.50 -11.02
N ASP A 16 22.56 -27.07 -9.84
CA ASP A 16 22.77 -26.36 -8.59
C ASP A 16 24.22 -26.44 -8.14
N GLN A 17 24.69 -25.35 -7.55
CA GLN A 17 26.06 -25.18 -7.09
C GLN A 17 26.02 -24.78 -5.60
N ARG A 18 26.74 -25.51 -4.72
CA ARG A 18 26.81 -25.21 -3.27
C ARG A 18 28.03 -24.33 -2.90
N PHE A 19 27.83 -23.26 -2.12
CA PHE A 19 28.91 -22.38 -1.55
C PHE A 19 28.59 -21.97 -0.13
N GLY A 20 29.44 -22.34 0.83
CA GLY A 20 29.10 -22.18 2.24
C GLY A 20 27.75 -22.86 2.48
N ASP A 21 26.78 -22.10 3.01
CA ASP A 21 25.41 -22.59 3.32
C ASP A 21 24.38 -22.34 2.23
N LEU A 22 24.84 -21.83 1.11
CA LEU A 22 23.97 -21.27 0.10
C LEU A 22 24.02 -22.09 -1.16
N VAL A 23 22.94 -22.01 -1.94
CA VAL A 23 22.84 -22.73 -3.23
C VAL A 23 22.61 -21.68 -4.29
N PHE A 24 23.35 -21.83 -5.39
CA PHE A 24 23.32 -20.89 -6.50
C PHE A 24 22.95 -21.72 -7.78
N ARG A 25 22.02 -21.23 -8.59
CA ARG A 25 21.76 -21.84 -9.90
C ARG A 25 21.79 -20.75 -10.93
N GLN A 26 22.56 -20.96 -11.99
CA GLN A 26 22.63 -19.96 -13.04
C GLN A 26 21.36 -20.08 -13.89
N LEU A 27 20.60 -18.99 -14.00
CA LEU A 27 19.37 -19.00 -14.81
C LEU A 27 19.54 -18.55 -16.24
N ALA A 28 20.46 -17.62 -16.44
CA ALA A 28 20.73 -17.07 -17.75
C ALA A 28 22.18 -16.62 -17.66
N PRO A 29 22.81 -16.22 -18.79
CA PRO A 29 24.23 -15.80 -18.78
C PRO A 29 24.66 -14.80 -17.68
N ASN A 30 23.77 -13.93 -17.24
CA ASN A 30 24.11 -12.92 -16.23
C ASN A 30 23.12 -12.88 -15.07
N VAL A 31 22.42 -13.98 -14.84
CA VAL A 31 21.41 -14.04 -13.79
C VAL A 31 21.56 -15.35 -13.04
N TRP A 32 21.71 -15.23 -11.72
CA TRP A 32 21.77 -16.39 -10.82
C TRP A 32 20.68 -16.28 -9.79
N GLN A 33 20.09 -17.43 -9.45
CA GLN A 33 19.23 -17.57 -8.31
C GLN A 33 20.08 -17.95 -7.08
N HIS A 34 19.95 -17.17 -6.01
CA HIS A 34 20.53 -17.49 -4.72
C HIS A 34 19.44 -18.12 -3.87
N THR A 35 19.78 -19.20 -3.17
CA THR A 35 18.83 -19.88 -2.31
C THR A 35 19.44 -20.03 -0.93
N SER A 36 18.66 -19.70 0.09
CA SER A 36 19.08 -19.89 1.48
C SER A 36 17.96 -20.58 2.23
N TYR A 37 18.32 -21.24 3.33
CA TYR A 37 17.35 -22.05 4.07
C TYR A 37 17.21 -21.61 5.50
N LEU A 38 16.00 -21.72 6.03
CA LEU A 38 15.72 -21.48 7.44
C LEU A 38 14.92 -22.66 8.00
N ASP A 39 15.35 -23.16 9.16
CA ASP A 39 14.56 -24.17 9.88
C ASP A 39 13.42 -23.53 10.68
N MET A 40 12.19 -23.81 10.27
CA MET A 40 10.97 -23.35 10.93
C MET A 40 10.43 -24.52 11.77
N PRO A 41 10.72 -24.56 13.09
CA PRO A 41 10.33 -25.75 13.88
C PRO A 41 8.82 -25.99 13.88
N GLY A 42 8.42 -27.25 13.86
CA GLY A 42 7.07 -27.63 13.50
C GLY A 42 6.94 -27.86 12.00
N PHE A 43 7.51 -26.97 11.19
CA PHE A 43 7.39 -26.99 9.72
C PHE A 43 8.56 -27.65 8.98
N GLY A 44 9.78 -27.55 9.51
CA GLY A 44 10.98 -28.07 8.83
C GLY A 44 11.74 -26.95 8.15
N ALA A 45 12.53 -27.29 7.13
CA ALA A 45 13.44 -26.33 6.48
C ALA A 45 12.80 -25.72 5.25
N VAL A 46 12.93 -24.40 5.09
CA VAL A 46 12.23 -23.66 4.03
C VAL A 46 13.25 -22.88 3.20
N ALA A 47 13.20 -23.13 1.89
CA ALA A 47 14.05 -22.44 0.94
C ALA A 47 13.49 -21.03 0.67
N SER A 48 14.37 -20.08 0.40
CA SER A 48 13.95 -18.75 -0.08
C SER A 48 14.90 -18.35 -1.19
N ASN A 49 14.32 -17.95 -2.32
CA ASN A 49 15.09 -17.63 -3.51
C ASN A 49 15.14 -16.10 -3.73
N GLY A 50 16.30 -15.60 -4.14
CA GLY A 50 16.46 -14.30 -4.67
C GLY A 50 17.29 -14.37 -5.93
N LEU A 51 17.69 -13.20 -6.43
CA LEU A 51 18.44 -13.09 -7.67
C LEU A 51 19.70 -12.28 -7.53
N ILE A 52 20.67 -12.59 -8.38
CA ILE A 52 21.91 -11.82 -8.53
C ILE A 52 21.96 -11.58 -10.01
N VAL A 53 22.25 -10.34 -10.38
CA VAL A 53 22.25 -9.90 -11.75
C VAL A 53 23.56 -9.16 -11.98
N ARG A 54 24.31 -9.57 -13.02
CA ARG A 54 25.50 -8.85 -13.47
C ARG A 54 25.06 -7.93 -14.60
N ASP A 55 25.28 -6.62 -14.41
CA ASP A 55 24.92 -5.60 -15.36
C ASP A 55 26.17 -4.76 -15.62
N GLY A 56 26.78 -4.98 -16.77
CA GLY A 56 28.04 -4.33 -17.08
C GLY A 56 29.06 -4.58 -15.99
N GLY A 57 29.56 -3.48 -15.40
CA GLY A 57 30.65 -3.53 -14.42
C GLY A 57 30.23 -3.67 -12.96
N ARG A 58 28.97 -3.99 -12.70
CA ARG A 58 28.50 -4.06 -11.31
C ARG A 58 27.52 -5.19 -11.12
N VAL A 59 27.24 -5.53 -9.86
CA VAL A 59 26.29 -6.56 -9.54
C VAL A 59 25.09 -5.93 -8.86
N LEU A 60 23.91 -6.47 -9.18
CA LEU A 60 22.66 -6.06 -8.54
C LEU A 60 22.03 -7.28 -7.84
N VAL A 61 21.56 -7.07 -6.61
CA VAL A 61 20.93 -8.13 -5.83
C VAL A 61 19.42 -7.82 -5.64
N VAL A 62 18.60 -8.86 -5.82
CA VAL A 62 17.16 -8.80 -5.51
C VAL A 62 16.99 -9.80 -4.35
N ASP A 63 16.60 -9.25 -3.20
CA ASP A 63 16.34 -9.96 -1.95
C ASP A 63 17.57 -10.42 -1.19
N THR A 64 17.46 -10.36 0.12
CA THR A 64 18.51 -10.88 0.96
C THR A 64 18.22 -12.36 1.18
N ALA A 65 19.13 -13.01 1.87
CA ALA A 65 18.85 -14.31 2.50
C ALA A 65 18.05 -14.09 3.81
N TRP A 66 17.67 -15.20 4.43
CA TRP A 66 16.95 -15.17 5.71
C TRP A 66 17.68 -14.46 6.86
N THR A 67 19.01 -14.53 6.88
CA THR A 67 19.82 -13.95 7.92
C THR A 67 21.00 -13.12 7.37
N ASP A 68 21.54 -12.31 8.25
CA ASP A 68 22.75 -11.54 8.02
C ASP A 68 23.93 -12.39 7.61
N ASP A 69 24.17 -13.48 8.33
CA ASP A 69 25.37 -14.30 8.02
C ASP A 69 25.30 -14.93 6.65
N GLN A 70 24.11 -15.42 6.30
CA GLN A 70 23.86 -15.96 4.96
C GLN A 70 24.02 -14.87 3.89
N THR A 71 23.53 -13.69 4.18
CA THR A 71 23.66 -12.58 3.26
C THR A 71 25.13 -12.21 3.05
N ALA A 72 25.95 -12.29 4.11
CA ALA A 72 27.36 -11.94 4.02
C ALA A 72 28.03 -12.97 3.15
N GLN A 73 27.59 -14.21 3.30
CA GLN A 73 28.05 -15.26 2.43
C GLN A 73 27.73 -15.03 0.95
N ILE A 74 26.49 -14.61 0.63
CA ILE A 74 26.13 -14.27 -0.73
C ILE A 74 27.15 -13.24 -1.25
N LEU A 75 27.47 -12.24 -0.45
CA LEU A 75 28.43 -11.19 -0.86
C LEU A 75 29.83 -11.74 -1.12
N ASN A 76 30.25 -12.71 -0.32
CA ASN A 76 31.53 -13.40 -0.53
C ASN A 76 31.59 -14.18 -1.83
N TRP A 77 30.50 -14.91 -2.11
CA TRP A 77 30.39 -15.73 -3.31
C TRP A 77 30.43 -14.84 -4.53
N ILE A 78 29.72 -13.70 -4.46
CA ILE A 78 29.78 -12.71 -5.53
C ILE A 78 31.23 -12.20 -5.73
N LYS A 79 31.91 -11.84 -4.63
CA LYS A 79 33.27 -11.27 -4.67
C LYS A 79 34.28 -12.23 -5.28
N GLN A 80 34.09 -13.53 -5.05
CA GLN A 80 34.97 -14.58 -5.60
C GLN A 80 34.55 -15.20 -6.94
N GLU A 81 33.25 -15.36 -7.20
CA GLU A 81 32.77 -15.97 -8.45
C GLU A 81 32.56 -14.95 -9.58
N ILE A 82 32.10 -13.75 -9.25
CA ILE A 82 31.86 -12.68 -10.22
C ILE A 82 32.95 -11.59 -10.13
N ASN A 83 33.28 -11.19 -8.92
CA ASN A 83 34.31 -10.17 -8.65
C ASN A 83 34.01 -8.85 -9.36
N LEU A 84 32.78 -8.41 -9.15
CA LEU A 84 32.37 -7.08 -9.51
C LEU A 84 31.70 -6.48 -8.27
N PRO A 85 31.82 -5.16 -8.06
CA PRO A 85 31.16 -4.51 -6.92
C PRO A 85 29.61 -4.58 -6.96
N VAL A 86 29.00 -4.75 -5.79
CA VAL A 86 27.55 -4.80 -5.66
C VAL A 86 27.08 -3.36 -5.49
N ALA A 87 26.40 -2.83 -6.49
CA ALA A 87 26.04 -1.42 -6.48
C ALA A 87 24.82 -1.16 -5.60
N LEU A 88 23.86 -2.08 -5.65
CA LEU A 88 22.59 -1.88 -4.97
C LEU A 88 21.85 -3.19 -4.78
N ALA A 89 20.95 -3.18 -3.80
CA ALA A 89 20.05 -4.26 -3.55
C ALA A 89 18.62 -3.74 -3.50
N VAL A 90 17.69 -4.55 -3.96
CA VAL A 90 16.26 -4.23 -3.98
C VAL A 90 15.60 -5.40 -3.29
N VAL A 91 14.76 -5.09 -2.33
CA VAL A 91 14.08 -6.12 -1.54
C VAL A 91 12.58 -5.96 -1.80
N THR A 92 11.89 -7.08 -1.92
CA THR A 92 10.57 -7.11 -2.58
C THR A 92 9.38 -7.02 -1.63
N HIS A 93 9.61 -7.27 -0.31
CA HIS A 93 8.68 -6.85 0.75
C HIS A 93 9.31 -7.05 2.13
N ALA A 94 8.65 -6.50 3.15
CA ALA A 94 9.14 -6.53 4.49
C ALA A 94 8.83 -7.90 5.17
N HIS A 95 9.46 -8.99 4.72
CA HIS A 95 9.41 -10.25 5.48
C HIS A 95 10.83 -10.78 5.59
N GLN A 96 11.04 -11.68 6.54
CA GLN A 96 12.38 -12.23 6.82
C GLN A 96 13.05 -12.88 5.64
N ASP A 97 12.24 -13.58 4.81
CA ASP A 97 12.80 -14.28 3.65
C ASP A 97 13.39 -13.30 2.63
N LYS A 98 12.90 -12.06 2.62
CA LYS A 98 13.37 -11.04 1.68
C LYS A 98 14.24 -9.94 2.29
N MET A 99 14.04 -9.64 3.59
CA MET A 99 14.73 -8.53 4.27
C MET A 99 15.52 -8.93 5.49
N GLY A 100 15.60 -10.22 5.81
CA GLY A 100 16.34 -10.68 6.99
C GLY A 100 17.83 -10.35 7.07
N GLY A 101 18.49 -10.14 5.91
CA GLY A 101 19.90 -9.82 5.84
C GLY A 101 20.28 -8.38 5.56
N MET A 102 19.40 -7.43 5.86
CA MET A 102 19.65 -5.99 5.62
C MET A 102 20.89 -5.41 6.30
N ASP A 103 21.14 -5.76 7.56
CA ASP A 103 22.31 -5.20 8.29
C ASP A 103 23.63 -5.59 7.60
N ALA A 104 23.66 -6.78 7.02
CA ALA A 104 24.81 -7.25 6.30
C ALA A 104 25.06 -6.40 5.05
N LEU A 105 24.00 -6.09 4.31
CA LEU A 105 24.14 -5.22 3.15
C LEU A 105 24.68 -3.85 3.55
N HIS A 106 24.12 -3.28 4.60
CA HIS A 106 24.54 -1.97 5.10
C HIS A 106 25.96 -2.00 5.67
N ALA A 107 26.33 -3.05 6.39
CA ALA A 107 27.75 -3.21 6.78
C ALA A 107 28.72 -3.24 5.59
N ALA A 108 28.33 -3.85 4.46
CA ALA A 108 29.12 -3.84 3.22
C ALA A 108 29.01 -2.54 2.38
N GLY A 109 28.26 -1.56 2.86
CA GLY A 109 28.08 -0.27 2.18
C GLY A 109 27.19 -0.27 0.95
N ILE A 110 26.32 -1.27 0.84
CA ILE A 110 25.52 -1.47 -0.37
C ILE A 110 24.22 -0.66 -0.25
N ALA A 111 23.93 0.13 -1.28
CA ALA A 111 22.72 0.93 -1.29
C ALA A 111 21.50 0.04 -1.41
N THR A 112 20.53 0.24 -0.53
CA THR A 112 19.39 -0.61 -0.49
C THR A 112 18.11 0.18 -0.77
N TYR A 113 17.20 -0.46 -1.50
CA TYR A 113 15.98 0.09 -1.97
C TYR A 113 14.82 -0.85 -1.61
N ALA A 114 13.70 -0.27 -1.20
CA ALA A 114 12.48 -1.05 -1.13
C ALA A 114 11.36 -0.10 -1.37
N ASN A 115 10.20 -0.68 -1.71
CA ASN A 115 8.93 0.06 -1.61
C ASN A 115 8.89 0.89 -0.31
N ALA A 116 8.51 2.15 -0.44
CA ALA A 116 8.32 3.01 0.71
C ALA A 116 7.50 2.32 1.81
N LEU A 117 6.46 1.64 1.39
CA LEU A 117 5.57 0.95 2.29
C LEU A 117 6.29 -0.20 2.97
N SER A 118 7.15 -0.92 2.25
CA SER A 118 7.98 -1.92 2.91
C SER A 118 8.83 -1.31 4.03
N ASN A 119 9.43 -0.15 3.77
CA ASN A 119 10.22 0.54 4.76
C ASN A 119 9.41 1.04 5.92
N GLN A 120 8.18 1.49 5.67
CA GLN A 120 7.29 1.90 6.76
C GLN A 120 6.84 0.69 7.57
N LEU A 121 6.59 -0.44 6.94
CA LEU A 121 6.19 -1.66 7.68
C LEU A 121 7.37 -2.41 8.36
N ALA A 122 8.57 -2.19 7.89
CA ALA A 122 9.71 -3.01 8.32
C ALA A 122 9.87 -3.10 9.85
N PRO A 123 9.82 -1.94 10.57
CA PRO A 123 9.94 -1.95 12.04
C PRO A 123 8.90 -2.82 12.74
N GLN A 124 7.64 -2.73 12.33
CA GLN A 124 6.59 -3.56 12.89
C GLN A 124 6.71 -5.05 12.45
N GLU A 125 7.36 -5.34 11.31
CA GLU A 125 7.64 -6.74 10.88
C GLU A 125 8.96 -7.32 11.41
N GLY A 126 9.63 -6.60 12.32
CA GLY A 126 10.93 -6.99 12.87
C GLY A 126 12.09 -6.92 11.88
N MET A 127 11.98 -6.11 10.83
CA MET A 127 13.01 -5.98 9.79
C MET A 127 13.68 -4.59 9.88
N VAL A 128 14.89 -4.52 9.38
CA VAL A 128 15.59 -3.26 9.28
C VAL A 128 15.16 -2.67 7.94
N ALA A 129 14.76 -1.40 7.94
CA ALA A 129 14.38 -0.70 6.68
C ALA A 129 15.52 -0.54 5.70
N ALA A 130 15.20 -0.49 4.42
CA ALA A 130 16.21 -0.16 3.41
C ALA A 130 16.51 1.33 3.53
N GLN A 131 17.64 1.74 3.00
CA GLN A 131 18.02 3.15 3.06
C GLN A 131 17.23 4.05 2.13
N HIS A 132 16.75 3.52 1.01
CA HIS A 132 16.04 4.29 0.01
C HIS A 132 14.65 3.70 -0.22
N SER A 133 13.71 4.57 -0.58
CA SER A 133 12.32 4.22 -0.79
C SER A 133 11.92 4.38 -2.25
N LEU A 134 11.30 3.34 -2.79
CA LEU A 134 10.78 3.39 -4.11
C LEU A 134 9.32 3.81 -4.03
N THR A 135 8.91 4.65 -4.99
CA THR A 135 7.50 4.99 -5.14
C THR A 135 7.06 4.54 -6.50
N PHE A 136 5.74 4.49 -6.69
CA PHE A 136 5.16 3.94 -7.89
C PHE A 136 4.05 4.84 -8.44
N ALA A 137 3.90 4.83 -9.76
CA ALA A 137 2.78 5.47 -10.43
C ALA A 137 1.49 4.65 -10.23
N ALA A 138 0.40 5.28 -10.56
CA ALA A 138 -0.91 4.63 -10.56
C ALA A 138 -0.97 3.33 -11.38
N ASN A 139 -0.16 3.22 -12.43
CA ASN A 139 -0.10 2.02 -13.25
C ASN A 139 0.83 0.94 -12.76
N GLY A 140 1.45 1.17 -11.61
CA GLY A 140 2.27 0.16 -10.95
C GLY A 140 3.75 0.31 -11.27
N TRP A 141 4.12 1.06 -12.29
CA TRP A 141 5.56 1.16 -12.63
C TRP A 141 6.29 2.06 -11.63
N VAL A 142 7.53 1.70 -11.33
CA VAL A 142 8.34 2.46 -10.40
C VAL A 142 8.56 3.84 -10.99
N GLU A 143 8.62 4.86 -10.12
CA GLU A 143 8.94 6.20 -10.47
C GLU A 143 10.45 6.28 -10.68
N PRO A 144 10.90 6.56 -11.93
CA PRO A 144 12.34 6.40 -12.26
C PRO A 144 13.32 7.16 -11.39
N ALA A 145 12.93 8.30 -10.85
CA ALA A 145 13.81 9.05 -9.96
C ALA A 145 14.04 8.41 -8.61
N THR A 146 13.14 7.51 -8.20
CA THR A 146 13.37 6.80 -6.98
C THR A 146 14.21 5.54 -7.20
N ALA A 147 14.41 5.13 -8.47
CA ALA A 147 15.15 3.94 -8.83
C ALA A 147 16.30 4.27 -9.78
N PRO A 148 17.24 5.10 -9.33
CA PRO A 148 18.31 5.52 -10.25
C PRO A 148 19.30 4.41 -10.54
N ASN A 149 19.72 4.31 -11.81
CA ASN A 149 20.75 3.36 -12.23
C ASN A 149 20.43 1.92 -11.95
N PHE A 150 19.18 1.53 -12.20
CA PHE A 150 18.75 0.13 -11.97
C PHE A 150 19.04 -0.81 -13.16
N GLY A 151 19.64 -0.27 -14.24
CA GLY A 151 20.14 -1.09 -15.36
C GLY A 151 19.01 -1.90 -15.96
N PRO A 152 19.13 -3.24 -15.99
CA PRO A 152 18.04 -4.03 -16.54
C PRO A 152 16.89 -4.35 -15.60
N LEU A 153 16.92 -3.87 -14.35
CA LEU A 153 15.89 -4.19 -13.40
C LEU A 153 14.69 -3.29 -13.67
N LYS A 154 13.53 -3.90 -13.88
CA LYS A 154 12.29 -3.16 -14.15
C LYS A 154 11.36 -3.46 -12.99
N VAL A 155 11.15 -2.48 -12.10
CA VAL A 155 10.41 -2.69 -10.85
C VAL A 155 8.96 -2.26 -11.01
N PHE A 156 8.08 -3.14 -10.57
CA PHE A 156 6.66 -3.02 -10.78
C PHE A 156 5.94 -3.44 -9.51
N TYR A 157 5.00 -2.61 -9.11
CA TYR A 157 4.22 -2.84 -7.91
C TYR A 157 2.85 -3.28 -8.43
N PRO A 158 2.49 -4.57 -8.25
CA PRO A 158 1.29 -5.06 -8.91
C PRO A 158 0.00 -4.78 -8.13
N GLY A 159 0.12 -4.18 -6.94
CA GLY A 159 -0.97 -4.06 -5.98
C GLY A 159 -0.87 -5.12 -4.87
N PRO A 160 -1.72 -5.02 -3.87
CA PRO A 160 -1.63 -5.89 -2.70
C PRO A 160 -2.00 -7.33 -3.04
N GLY A 161 -1.27 -8.28 -2.48
CA GLY A 161 -1.55 -9.69 -2.74
C GLY A 161 -1.11 -10.53 -1.58
N HIS A 162 0.11 -11.06 -1.71
CA HIS A 162 0.77 -11.76 -0.66
C HIS A 162 0.95 -10.86 0.54
N THR A 163 1.34 -9.63 0.29
CA THR A 163 1.35 -8.57 1.28
C THR A 163 0.89 -7.32 0.59
N SER A 164 0.61 -6.28 1.39
CA SER A 164 0.22 -5.02 0.81
C SER A 164 1.36 -4.33 0.06
N ASP A 165 2.62 -4.66 0.40
CA ASP A 165 3.81 -3.94 -0.13
C ASP A 165 4.60 -4.69 -1.20
N ASN A 166 4.18 -5.92 -1.55
CA ASN A 166 4.97 -6.76 -2.48
C ASN A 166 5.27 -6.10 -3.81
N ILE A 167 6.53 -6.11 -4.20
CA ILE A 167 6.92 -5.62 -5.50
C ILE A 167 7.53 -6.76 -6.27
N THR A 168 7.68 -6.55 -7.56
CA THR A 168 8.14 -7.59 -8.47
C THR A 168 9.16 -6.98 -9.38
N VAL A 169 9.97 -7.81 -9.99
CA VAL A 169 11.07 -7.29 -10.82
C VAL A 169 11.23 -8.11 -12.14
N GLY A 170 11.28 -7.43 -13.27
CA GLY A 170 11.62 -8.04 -14.55
C GLY A 170 13.08 -7.74 -14.85
N ILE A 171 13.73 -8.65 -15.56
CA ILE A 171 15.12 -8.41 -15.97
C ILE A 171 15.15 -8.20 -17.46
N ASP A 172 15.35 -6.96 -17.86
CA ASP A 172 15.46 -6.64 -19.27
C ASP A 172 16.57 -7.45 -19.88
N GLY A 173 16.34 -7.86 -21.13
CA GLY A 173 17.28 -8.67 -21.87
C GLY A 173 17.25 -10.16 -21.53
N THR A 174 16.21 -10.62 -20.83
CA THR A 174 16.07 -12.04 -20.46
C THR A 174 14.61 -12.44 -20.56
N ASP A 175 14.31 -13.72 -20.38
CA ASP A 175 12.93 -14.18 -20.32
C ASP A 175 12.37 -14.14 -18.87
N ILE A 176 13.10 -13.55 -17.91
CA ILE A 176 12.92 -13.80 -16.48
C ILE A 176 12.14 -12.67 -15.81
N ALA A 177 11.12 -13.04 -15.03
CA ALA A 177 10.46 -12.10 -14.11
C ALA A 177 10.31 -12.74 -12.75
N PHE A 178 10.51 -11.94 -11.72
CA PHE A 178 10.60 -12.41 -10.36
C PHE A 178 9.31 -11.96 -9.67
N GLY A 179 8.50 -12.92 -9.29
CA GLY A 179 7.25 -12.67 -8.57
C GLY A 179 7.39 -12.68 -7.06
N GLY A 180 8.53 -13.15 -6.53
CA GLY A 180 8.73 -13.20 -5.08
C GLY A 180 7.74 -14.17 -4.42
N CYS A 181 7.19 -13.79 -3.29
CA CYS A 181 6.17 -14.58 -2.62
C CYS A 181 4.74 -14.44 -3.20
N LEU A 182 4.53 -13.55 -4.16
CA LEU A 182 3.19 -13.35 -4.75
C LEU A 182 2.72 -14.52 -5.57
N ILE A 183 3.64 -15.03 -6.38
CA ILE A 183 3.40 -16.11 -7.31
C ILE A 183 3.84 -17.45 -6.72
N LYS A 184 2.94 -18.44 -6.81
CA LYS A 184 3.18 -19.84 -6.44
C LYS A 184 3.33 -20.66 -7.72
N ASP A 185 4.00 -21.80 -7.63
CA ASP A 185 4.23 -22.63 -8.83
C ASP A 185 2.91 -23.24 -9.33
N SER A 186 2.98 -23.77 -10.55
CA SER A 186 1.77 -24.18 -11.28
C SER A 186 1.10 -25.45 -10.76
N LYS A 187 1.80 -26.22 -9.95
CA LYS A 187 1.22 -27.41 -9.30
C LYS A 187 1.07 -27.20 -7.79
N ALA A 188 1.13 -25.95 -7.30
CA ALA A 188 1.02 -25.72 -5.85
C ALA A 188 -0.39 -26.02 -5.35
N LYS A 189 -0.49 -26.65 -4.18
CA LYS A 189 -1.78 -26.99 -3.57
C LYS A 189 -2.40 -25.78 -2.83
N SER A 190 -1.65 -24.69 -2.64
CA SER A 190 -2.14 -23.55 -1.88
C SER A 190 -1.32 -22.29 -2.21
N LEU A 191 -1.75 -21.17 -1.64
CA LEU A 191 -1.03 -19.88 -1.79
C LEU A 191 -0.06 -19.60 -0.63
N GLY A 192 0.17 -20.62 0.20
CA GLY A 192 1.18 -20.58 1.22
C GLY A 192 0.71 -19.66 2.31
N ASN A 193 1.59 -18.78 2.74
CA ASN A 193 1.31 -17.96 3.88
C ASN A 193 0.44 -16.78 3.45
N LEU A 194 -0.81 -16.83 3.87
CA LEU A 194 -1.80 -15.78 3.66
C LEU A 194 -2.03 -14.91 4.89
N GLY A 195 -1.17 -15.03 5.92
CA GLY A 195 -1.35 -14.24 7.15
C GLY A 195 -1.45 -12.73 6.91
N ASP A 196 -0.68 -12.23 5.93
CA ASP A 196 -0.59 -10.80 5.64
C ASP A 196 -1.30 -10.49 4.30
N ALA A 197 -2.04 -11.45 3.74
CA ALA A 197 -2.51 -11.35 2.37
C ALA A 197 -3.72 -10.43 2.26
N ASP A 198 -3.87 -9.80 1.09
CA ASP A 198 -5.09 -9.08 0.75
C ASP A 198 -5.89 -10.04 -0.10
N THR A 199 -6.92 -10.62 0.48
CA THR A 199 -7.74 -11.63 -0.21
C THR A 199 -8.53 -11.06 -1.40
N GLU A 200 -9.09 -9.88 -1.24
CA GLU A 200 -9.88 -9.31 -2.31
C GLU A 200 -9.06 -9.02 -3.57
N HIS A 201 -7.83 -8.54 -3.41
CA HIS A 201 -7.06 -8.02 -4.53
C HIS A 201 -6.00 -8.95 -5.06
N TYR A 202 -5.78 -10.07 -4.38
CA TYR A 202 -4.67 -10.91 -4.71
C TYR A 202 -4.75 -11.36 -6.17
N ALA A 203 -5.90 -11.89 -6.59
CA ALA A 203 -6.03 -12.37 -7.96
C ALA A 203 -5.69 -11.30 -8.99
N ALA A 204 -6.23 -10.12 -8.80
CA ALA A 204 -5.95 -9.03 -9.73
C ALA A 204 -4.45 -8.67 -9.72
N SER A 205 -3.83 -8.71 -8.54
CA SER A 205 -2.41 -8.35 -8.43
C SER A 205 -1.52 -9.35 -9.13
N ALA A 206 -1.83 -10.64 -8.91
CA ALA A 206 -1.13 -11.66 -9.63
C ALA A 206 -1.27 -11.48 -11.13
N ARG A 207 -2.51 -11.20 -11.59
CA ARG A 207 -2.77 -10.94 -13.02
C ARG A 207 -2.05 -9.69 -13.54
N ALA A 208 -1.98 -8.65 -12.70
CA ALA A 208 -1.22 -7.41 -13.04
C ALA A 208 0.29 -7.68 -13.25
N PHE A 209 0.88 -8.51 -12.39
CA PHE A 209 2.29 -8.92 -12.55
C PHE A 209 2.46 -9.61 -13.90
N GLY A 210 1.60 -10.60 -14.13
CA GLY A 210 1.49 -11.21 -15.43
C GLY A 210 1.46 -10.26 -16.61
N ALA A 211 0.59 -9.27 -16.52
CA ALA A 211 0.40 -8.32 -17.64
C ALA A 211 1.56 -7.32 -17.77
N ALA A 212 2.23 -7.00 -16.67
CA ALA A 212 3.37 -6.05 -16.69
C ALA A 212 4.60 -6.62 -17.38
N PHE A 213 4.76 -7.94 -17.28
CA PHE A 213 5.84 -8.67 -17.96
C PHE A 213 5.23 -9.71 -18.91
N PRO A 214 4.52 -9.25 -19.95
CA PRO A 214 3.76 -10.17 -20.82
C PRO A 214 4.60 -11.13 -21.65
N LYS A 215 5.86 -10.83 -21.90
CA LYS A 215 6.74 -11.74 -22.68
C LYS A 215 7.45 -12.82 -21.81
N ALA A 216 7.69 -12.52 -20.54
CA ALA A 216 8.45 -13.38 -19.66
C ALA A 216 7.91 -14.85 -19.68
N SER A 217 8.80 -15.81 -19.93
CA SER A 217 8.43 -17.24 -19.92
C SER A 217 9.01 -18.02 -18.74
N MET A 218 10.00 -17.44 -18.04
CA MET A 218 10.59 -18.02 -16.80
C MET A 218 10.25 -17.17 -15.56
N ILE A 219 9.34 -17.69 -14.74
CA ILE A 219 8.87 -16.98 -13.55
C ILE A 219 9.63 -17.52 -12.33
N VAL A 220 10.33 -16.63 -11.67
CA VAL A 220 11.14 -16.96 -10.51
C VAL A 220 10.30 -16.59 -9.31
N MET A 221 10.32 -17.45 -8.32
CA MET A 221 9.52 -17.21 -7.13
C MET A 221 10.32 -17.63 -5.92
N SER A 222 9.79 -17.27 -4.76
CA SER A 222 10.51 -17.41 -3.50
C SER A 222 10.68 -18.82 -2.99
N HIS A 223 9.73 -19.72 -3.24
CA HIS A 223 9.79 -21.05 -2.66
C HIS A 223 9.54 -22.19 -3.65
N SER A 224 10.00 -22.01 -4.87
CA SER A 224 9.89 -23.07 -5.86
C SER A 224 10.92 -22.76 -6.89
N ALA A 225 11.30 -23.77 -7.65
CA ALA A 225 12.18 -23.60 -8.77
C ALA A 225 11.49 -22.73 -9.80
N PRO A 226 12.26 -22.09 -10.67
CA PRO A 226 11.62 -21.34 -11.73
C PRO A 226 10.53 -22.16 -12.48
N ASP A 227 9.43 -21.53 -12.86
CA ASP A 227 8.32 -22.22 -13.54
C ASP A 227 7.94 -21.42 -14.78
N SER A 228 6.97 -21.93 -15.52
CA SER A 228 6.40 -21.22 -16.66
C SER A 228 5.32 -20.21 -16.25
N ARG A 229 4.70 -19.58 -17.24
CA ARG A 229 3.64 -18.62 -16.97
C ARG A 229 2.40 -19.29 -16.32
N ALA A 230 2.26 -20.60 -16.42
CA ALA A 230 1.14 -21.31 -15.76
C ALA A 230 1.10 -21.09 -14.24
N ALA A 231 2.27 -20.84 -13.65
CA ALA A 231 2.39 -20.42 -12.25
C ALA A 231 1.53 -19.18 -11.94
N ILE A 232 1.54 -18.24 -12.87
CA ILE A 232 0.72 -17.03 -12.78
C ILE A 232 -0.79 -17.29 -12.84
N THR A 233 -1.22 -18.00 -13.90
CA THR A 233 -2.59 -18.36 -14.10
C THR A 233 -3.09 -19.15 -12.92
N HIS A 234 -2.29 -20.12 -12.48
CA HIS A 234 -2.71 -21.02 -11.41
C HIS A 234 -2.80 -20.26 -10.07
N THR A 235 -1.83 -19.40 -9.78
CA THR A 235 -1.88 -18.53 -8.62
C THR A 235 -3.15 -17.66 -8.62
N ALA A 236 -3.47 -17.08 -9.75
CA ALA A 236 -4.72 -16.27 -9.89
C ALA A 236 -6.00 -17.06 -9.69
N ARG A 237 -6.02 -18.32 -10.16
CA ARG A 237 -7.17 -19.19 -10.02
C ARG A 237 -7.38 -19.51 -8.55
N MET A 238 -6.29 -19.86 -7.85
CA MET A 238 -6.37 -20.14 -6.42
C MET A 238 -6.87 -18.91 -5.67
N ALA A 239 -6.36 -17.75 -6.07
CA ALA A 239 -6.71 -16.48 -5.41
C ALA A 239 -8.17 -16.08 -5.64
N ASP A 240 -8.74 -16.42 -6.79
CA ASP A 240 -10.17 -16.18 -7.05
C ASP A 240 -11.07 -16.83 -5.99
N LYS A 241 -10.66 -17.98 -5.46
CA LYS A 241 -11.42 -18.70 -4.44
C LYS A 241 -11.37 -18.04 -3.05
N LEU A 242 -10.47 -17.06 -2.87
CA LEU A 242 -10.39 -16.26 -1.64
C LEU A 242 -11.44 -15.16 -1.53
N ARG A 243 -11.76 -14.51 -2.65
CA ARG A 243 -12.62 -13.32 -2.68
C ARG A 243 -14.09 -13.68 -2.93
N ALA B 3 -36.01 5.48 5.51
CA ALA B 3 -34.99 5.64 4.42
C ALA B 3 -34.06 6.82 4.78
N ILE B 4 -33.65 7.65 3.81
CA ILE B 4 -32.72 8.77 4.05
C ILE B 4 -33.35 9.89 4.90
N ARG B 5 -34.55 10.33 4.50
CA ARG B 5 -35.18 11.52 5.09
C ARG B 5 -35.38 11.40 6.61
N PRO B 6 -35.96 10.27 7.09
CA PRO B 6 -36.13 10.11 8.54
C PRO B 6 -34.79 10.17 9.32
N THR B 7 -33.78 9.47 8.80
CA THR B 7 -32.50 9.38 9.49
C THR B 7 -31.78 10.73 9.51
N ILE B 8 -31.90 11.52 8.42
CA ILE B 8 -31.34 12.91 8.45
C ILE B 8 -31.91 13.75 9.59
N GLY B 9 -33.23 13.65 9.79
CA GLY B 9 -33.93 14.36 10.87
C GLY B 9 -33.44 13.96 12.25
N GLN B 10 -33.32 12.66 12.48
CA GLN B 10 -32.79 12.14 13.77
C GLN B 10 -31.35 12.57 14.01
N GLN B 11 -30.55 12.57 12.95
CA GLN B 11 -29.12 12.84 13.03
C GLN B 11 -28.80 14.32 13.30
N MET B 12 -29.67 15.24 12.90
CA MET B 12 -29.34 16.68 13.00
C MET B 12 -29.27 17.24 14.45
N GLU B 13 -28.18 17.96 14.76
CA GLU B 13 -27.95 18.70 16.02
C GLU B 13 -27.83 20.20 15.71
N THR B 14 -27.82 21.06 16.73
CA THR B 14 -28.05 22.51 16.55
C THR B 14 -27.28 23.24 15.43
N GLY B 15 -25.99 22.95 15.29
CA GLY B 15 -25.17 23.62 14.27
C GLY B 15 -25.28 23.10 12.83
N ASP B 16 -26.15 22.11 12.59
CA ASP B 16 -26.25 21.50 11.27
C ASP B 16 -27.14 22.32 10.34
N GLN B 17 -26.73 22.34 9.09
CA GLN B 17 -27.38 23.08 8.04
C GLN B 17 -27.74 22.11 6.92
N ARG B 18 -29.03 22.04 6.58
CA ARG B 18 -29.54 21.12 5.58
C ARG B 18 -29.70 21.74 4.20
N PHE B 19 -29.25 21.01 3.20
CA PHE B 19 -29.32 21.41 1.81
C PHE B 19 -29.76 20.16 1.01
N GLY B 20 -31.05 20.06 0.74
CA GLY B 20 -31.65 18.85 0.18
C GLY B 20 -31.34 17.71 1.11
N ASP B 21 -30.74 16.63 0.58
CA ASP B 21 -30.31 15.47 1.35
C ASP B 21 -28.91 15.60 1.94
N LEU B 22 -28.23 16.72 1.71
CA LEU B 22 -26.88 16.92 2.23
C LEU B 22 -27.00 17.68 3.57
N VAL B 23 -25.99 17.49 4.42
CA VAL B 23 -25.87 18.24 5.70
C VAL B 23 -24.45 18.80 5.82
N PHE B 24 -24.38 20.02 6.34
CA PHE B 24 -23.13 20.76 6.47
C PHE B 24 -23.05 21.26 7.89
N ARG B 25 -21.89 21.09 8.53
CA ARG B 25 -21.67 21.68 9.85
C ARG B 25 -20.35 22.40 9.87
N GLN B 26 -20.36 23.64 10.35
CA GLN B 26 -19.12 24.37 10.44
C GLN B 26 -18.33 23.86 11.62
N LEU B 27 -17.10 23.40 11.40
CA LEU B 27 -16.24 22.97 12.49
C LEU B 27 -15.30 24.03 13.07
N ALA B 28 -14.84 24.94 12.23
CA ALA B 28 -13.93 25.98 12.64
C ALA B 28 -14.21 27.09 11.66
N PRO B 29 -13.64 28.29 11.86
CA PRO B 29 -13.90 29.43 10.96
C PRO B 29 -13.76 29.17 9.44
N ASN B 30 -12.91 28.25 9.03
CA ASN B 30 -12.69 27.95 7.62
C ASN B 30 -12.80 26.48 7.27
N VAL B 31 -13.49 25.72 8.10
CA VAL B 31 -13.60 24.28 7.90
C VAL B 31 -15.05 23.84 8.14
N TRP B 32 -15.61 23.14 7.16
CA TRP B 32 -16.95 22.57 7.25
C TRP B 32 -16.90 21.09 6.97
N GLN B 33 -17.71 20.35 7.71
CA GLN B 33 -17.97 18.94 7.45
C GLN B 33 -19.18 18.82 6.50
N HIS B 34 -19.00 18.07 5.41
CA HIS B 34 -20.06 17.71 4.50
C HIS B 34 -20.50 16.30 4.78
N THR B 35 -21.80 16.08 4.84
CA THR B 35 -22.35 14.75 5.10
C THR B 35 -23.31 14.40 4.01
N SER B 36 -23.17 13.20 3.47
CA SER B 36 -24.10 12.68 2.48
C SER B 36 -24.55 11.28 2.89
N TYR B 37 -25.70 10.86 2.39
CA TYR B 37 -26.27 9.60 2.82
C TYR B 37 -26.51 8.65 1.65
N LEU B 38 -26.37 7.35 1.90
CA LEU B 38 -26.71 6.33 0.94
C LEU B 38 -27.58 5.27 1.61
N ASP B 39 -28.69 4.90 0.95
CA ASP B 39 -29.50 3.76 1.39
C ASP B 39 -28.87 2.44 1.01
N MET B 40 -28.43 1.66 1.99
CA MET B 40 -27.93 0.30 1.78
C MET B 40 -29.05 -0.65 2.24
N PRO B 41 -29.89 -1.17 1.30
CA PRO B 41 -31.06 -1.97 1.72
C PRO B 41 -30.66 -3.21 2.51
N GLY B 42 -31.46 -3.55 3.51
CA GLY B 42 -31.03 -4.45 4.57
C GLY B 42 -30.39 -3.69 5.73
N PHE B 43 -29.52 -2.72 5.42
CA PHE B 43 -28.77 -1.96 6.42
C PHE B 43 -29.39 -0.59 6.80
N GLY B 44 -30.06 0.07 5.87
CA GLY B 44 -30.66 1.37 6.09
C GLY B 44 -29.78 2.44 5.51
N ALA B 45 -29.89 3.66 6.04
CA ALA B 45 -29.20 4.83 5.48
C ALA B 45 -27.89 5.11 6.21
N VAL B 46 -26.80 5.34 5.48
CA VAL B 46 -25.46 5.43 6.06
C VAL B 46 -24.90 6.79 5.71
N ALA B 47 -24.51 7.53 6.74
CA ALA B 47 -23.85 8.84 6.59
C ALA B 47 -22.39 8.67 6.20
N SER B 48 -21.85 9.60 5.42
CA SER B 48 -20.42 9.64 5.12
C SER B 48 -19.99 11.10 5.15
N ASN B 49 -18.92 11.37 5.92
CA ASN B 49 -18.47 12.73 6.18
C ASN B 49 -17.20 13.02 5.37
N GLY B 50 -17.10 14.24 4.86
CA GLY B 50 -15.88 14.74 4.32
C GLY B 50 -15.70 16.15 4.83
N LEU B 51 -14.71 16.86 4.27
CA LEU B 51 -14.41 18.22 4.69
C LEU B 51 -14.33 19.18 3.52
N ILE B 52 -14.59 20.45 3.84
CA ILE B 52 -14.45 21.55 2.94
C ILE B 52 -13.62 22.53 3.74
N VAL B 53 -12.58 23.06 3.09
CA VAL B 53 -11.60 23.94 3.74
C VAL B 53 -11.45 25.15 2.86
N ARG B 54 -11.59 26.34 3.44
CA ARG B 54 -11.31 27.60 2.76
C ARG B 54 -9.89 27.97 3.15
N ASP B 55 -9.05 28.12 2.14
CA ASP B 55 -7.68 28.51 2.30
C ASP B 55 -7.45 29.76 1.45
N GLY B 56 -7.41 30.91 2.09
CA GLY B 56 -7.36 32.16 1.38
C GLY B 56 -8.49 32.26 0.37
N GLY B 57 -8.12 32.44 -0.90
CA GLY B 57 -9.07 32.71 -1.99
C GLY B 57 -9.64 31.47 -2.70
N ARG B 58 -9.44 30.28 -2.13
CA ARG B 58 -9.89 29.07 -2.82
C ARG B 58 -10.43 28.05 -1.80
N VAL B 59 -11.14 27.07 -2.31
CA VAL B 59 -11.72 26.01 -1.48
C VAL B 59 -11.03 24.70 -1.82
N LEU B 60 -10.79 23.91 -0.77
CA LEU B 60 -10.19 22.57 -0.88
C LEU B 60 -11.16 21.51 -0.28
N VAL B 61 -11.33 20.40 -1.01
CA VAL B 61 -12.27 19.39 -0.62
C VAL B 61 -11.50 18.13 -0.25
N VAL B 62 -11.93 17.51 0.84
CA VAL B 62 -11.47 16.21 1.21
C VAL B 62 -12.69 15.31 1.13
N ASP B 63 -12.60 14.35 0.21
CA ASP B 63 -13.62 13.31 -0.06
C ASP B 63 -14.83 13.77 -0.80
N THR B 64 -15.33 12.91 -1.68
CA THR B 64 -16.54 13.20 -2.38
C THR B 64 -17.68 12.73 -1.51
N ALA B 65 -18.90 12.98 -2.00
CA ALA B 65 -20.09 12.26 -1.52
C ALA B 65 -20.19 10.88 -2.17
N TRP B 66 -21.16 10.12 -1.72
CA TRP B 66 -21.40 8.80 -2.25
C TRP B 66 -21.63 8.74 -3.78
N THR B 67 -22.26 9.76 -4.35
CA THR B 67 -22.61 9.80 -5.77
C THR B 67 -22.21 11.13 -6.42
N ASP B 68 -22.16 11.09 -7.72
CA ASP B 68 -21.95 12.26 -8.56
C ASP B 68 -22.93 13.38 -8.32
N ASP B 69 -24.23 13.05 -8.24
CA ASP B 69 -25.23 14.10 -8.08
C ASP B 69 -25.10 14.81 -6.75
N GLN B 70 -24.85 14.03 -5.69
CA GLN B 70 -24.60 14.60 -4.35
C GLN B 70 -23.34 15.46 -4.35
N THR B 71 -22.30 14.98 -5.03
CA THR B 71 -21.06 15.74 -5.15
C THR B 71 -21.29 17.03 -5.88
N ALA B 72 -22.14 17.03 -6.91
CA ALA B 72 -22.46 18.28 -7.66
C ALA B 72 -23.21 19.22 -6.75
N GLN B 73 -24.08 18.66 -5.89
CA GLN B 73 -24.77 19.42 -4.87
C GLN B 73 -23.83 20.05 -3.82
N ILE B 74 -22.81 19.29 -3.34
CA ILE B 74 -21.73 19.88 -2.51
C ILE B 74 -21.12 21.11 -3.21
N LEU B 75 -20.79 20.97 -4.49
CA LEU B 75 -20.22 22.11 -5.26
C LEU B 75 -21.19 23.31 -5.31
N ASN B 76 -22.51 23.04 -5.37
CA ASN B 76 -23.54 24.13 -5.34
C ASN B 76 -23.59 24.84 -4.02
N TRP B 77 -23.53 24.05 -2.96
CA TRP B 77 -23.51 24.57 -1.60
C TRP B 77 -22.29 25.43 -1.34
N ILE B 78 -21.12 24.97 -1.80
CA ILE B 78 -19.88 25.78 -1.77
C ILE B 78 -20.09 27.10 -2.53
N LYS B 79 -20.64 27.04 -3.74
CA LYS B 79 -20.83 28.23 -4.62
C LYS B 79 -21.77 29.27 -3.98
N GLN B 80 -22.77 28.80 -3.23
CA GLN B 80 -23.73 29.68 -2.53
C GLN B 80 -23.37 30.09 -1.08
N GLU B 81 -22.70 29.24 -0.34
CA GLU B 81 -22.29 29.58 1.04
C GLU B 81 -20.92 30.26 1.14
N ILE B 82 -19.97 29.82 0.32
CA ILE B 82 -18.58 30.31 0.37
C ILE B 82 -18.26 31.19 -0.82
N ASN B 83 -18.65 30.74 -2.01
CA ASN B 83 -18.44 31.46 -3.25
C ASN B 83 -16.96 31.77 -3.50
N LEU B 84 -16.17 30.72 -3.40
CA LEU B 84 -14.78 30.73 -3.80
C LEU B 84 -14.56 29.51 -4.69
N PRO B 85 -13.68 29.61 -5.71
CA PRO B 85 -13.37 28.45 -6.57
C PRO B 85 -12.73 27.26 -5.83
N VAL B 86 -13.11 26.04 -6.22
CA VAL B 86 -12.58 24.82 -5.64
C VAL B 86 -11.32 24.47 -6.43
N ALA B 87 -10.17 24.61 -5.80
CA ALA B 87 -8.89 24.42 -6.52
C ALA B 87 -8.53 22.96 -6.71
N LEU B 88 -8.84 22.15 -5.70
CA LEU B 88 -8.45 20.73 -5.75
C LEU B 88 -9.27 19.91 -4.75
N ALA B 89 -9.28 18.61 -4.98
CA ALA B 89 -9.88 17.66 -4.08
C ALA B 89 -8.87 16.54 -3.79
N VAL B 90 -8.92 16.02 -2.56
CA VAL B 90 -8.09 14.94 -2.12
C VAL B 90 -9.06 13.89 -1.58
N VAL B 91 -8.89 12.67 -2.01
CA VAL B 91 -9.79 11.57 -1.63
C VAL B 91 -8.94 10.55 -0.89
N THR B 92 -9.49 9.99 0.19
CA THR B 92 -8.66 9.37 1.21
C THR B 92 -8.52 7.84 1.06
N HIS B 93 -9.38 7.23 0.22
CA HIS B 93 -9.15 5.88 -0.29
C HIS B 93 -10.19 5.52 -1.37
N ALA B 94 -9.93 4.44 -2.08
CA ALA B 94 -10.79 4.02 -3.15
C ALA B 94 -12.02 3.24 -2.63
N HIS B 95 -12.96 3.91 -1.96
CA HIS B 95 -14.29 3.35 -1.69
C HIS B 95 -15.34 4.37 -2.09
N GLN B 96 -16.54 3.89 -2.30
CA GLN B 96 -17.68 4.74 -2.74
C GLN B 96 -17.96 5.93 -1.85
N ASP B 97 -17.85 5.73 -0.53
CA ASP B 97 -18.09 6.82 0.41
C ASP B 97 -17.09 7.98 0.23
N LYS B 98 -15.90 7.71 -0.30
CA LYS B 98 -14.86 8.73 -0.50
C LYS B 98 -14.63 9.13 -1.94
N MET B 99 -14.88 8.21 -2.90
CA MET B 99 -14.58 8.43 -4.30
C MET B 99 -15.76 8.31 -5.23
N GLY B 100 -16.96 8.08 -4.70
CA GLY B 100 -18.14 7.91 -5.56
C GLY B 100 -18.53 9.07 -6.47
N GLY B 101 -18.11 10.29 -6.16
CA GLY B 101 -18.44 11.46 -6.93
C GLY B 101 -17.33 12.06 -7.81
N MET B 102 -16.32 11.26 -8.18
CA MET B 102 -15.18 11.72 -8.95
C MET B 102 -15.52 12.31 -10.30
N ASP B 103 -16.46 11.72 -11.03
CA ASP B 103 -16.85 12.27 -12.36
C ASP B 103 -17.40 13.69 -12.24
N ALA B 104 -18.11 13.95 -11.14
CA ALA B 104 -18.66 15.27 -10.90
C ALA B 104 -17.53 16.31 -10.69
N LEU B 105 -16.49 15.94 -9.93
CA LEU B 105 -15.35 16.84 -9.73
C LEU B 105 -14.64 17.13 -11.03
N HIS B 106 -14.43 16.09 -11.84
CA HIS B 106 -13.79 16.25 -13.16
C HIS B 106 -14.67 17.03 -14.14
N ALA B 107 -15.98 16.82 -14.14
CA ALA B 107 -16.87 17.67 -14.93
C ALA B 107 -16.79 19.16 -14.53
N ALA B 108 -16.61 19.47 -13.24
CA ALA B 108 -16.43 20.86 -12.78
C ALA B 108 -14.98 21.40 -12.92
N GLY B 109 -14.07 20.60 -13.49
CA GLY B 109 -12.69 21.01 -13.78
C GLY B 109 -11.77 21.05 -12.58
N ILE B 110 -12.11 20.28 -11.53
CA ILE B 110 -11.39 20.35 -10.26
C ILE B 110 -10.23 19.33 -10.28
N ALA B 111 -9.02 19.75 -9.93
CA ALA B 111 -7.86 18.84 -9.89
C ALA B 111 -8.00 17.85 -8.72
N THR B 112 -7.83 16.57 -9.00
CA THR B 112 -8.06 15.54 -8.01
C THR B 112 -6.79 14.77 -7.72
N TYR B 113 -6.60 14.46 -6.44
CA TYR B 113 -5.45 13.83 -5.94
C TYR B 113 -5.86 12.63 -5.11
N ALA B 114 -5.09 11.57 -5.20
CA ALA B 114 -5.26 10.44 -4.22
C ALA B 114 -3.96 9.73 -4.14
N ASN B 115 -3.81 8.96 -3.06
CA ASN B 115 -2.74 7.98 -2.98
C ASN B 115 -2.63 7.22 -4.31
N ALA B 116 -1.40 7.08 -4.79
CA ALA B 116 -1.14 6.31 -5.99
C ALA B 116 -1.83 4.95 -5.95
N LEU B 117 -1.79 4.35 -4.78
CA LEU B 117 -2.39 3.06 -4.57
C LEU B 117 -3.89 3.14 -4.71
N SER B 118 -4.51 4.20 -4.20
CA SER B 118 -5.93 4.37 -4.40
C SER B 118 -6.29 4.44 -5.88
N ASN B 119 -5.48 5.15 -6.66
CA ASN B 119 -5.71 5.24 -8.08
C ASN B 119 -5.52 3.91 -8.78
N GLN B 120 -4.53 3.13 -8.36
CA GLN B 120 -4.32 1.80 -8.93
C GLN B 120 -5.46 0.88 -8.54
N LEU B 121 -5.99 0.98 -7.33
CA LEU B 121 -7.12 0.13 -6.90
C LEU B 121 -8.52 0.59 -7.42
N ALA B 122 -8.64 1.86 -7.81
CA ALA B 122 -9.95 2.44 -8.07
C ALA B 122 -10.76 1.64 -9.11
N PRO B 123 -10.13 1.25 -10.26
CA PRO B 123 -10.85 0.47 -11.29
C PRO B 123 -11.42 -0.87 -10.74
N GLN B 124 -10.66 -1.61 -9.93
CA GLN B 124 -11.17 -2.82 -9.30
C GLN B 124 -12.26 -2.52 -8.28
N GLU B 125 -12.20 -1.34 -7.63
CA GLU B 125 -13.21 -0.98 -6.63
C GLU B 125 -14.46 -0.32 -7.23
N GLY B 126 -14.55 -0.26 -8.57
CA GLY B 126 -15.63 0.37 -9.27
C GLY B 126 -15.63 1.89 -9.16
N MET B 127 -14.46 2.49 -8.92
CA MET B 127 -14.34 3.95 -8.78
C MET B 127 -13.55 4.54 -9.99
N VAL B 128 -13.74 5.81 -10.23
CA VAL B 128 -12.94 6.51 -11.22
C VAL B 128 -11.70 7.04 -10.50
N ALA B 129 -10.51 6.83 -11.08
CA ALA B 129 -9.28 7.30 -10.47
C ALA B 129 -9.19 8.82 -10.41
N ALA B 130 -8.44 9.34 -9.45
CA ALA B 130 -8.11 10.76 -9.44
C ALA B 130 -7.09 11.04 -10.55
N GLN B 131 -6.98 12.29 -10.94
CA GLN B 131 -6.07 12.69 -12.01
C GLN B 131 -4.62 12.69 -11.60
N HIS B 132 -4.35 12.92 -10.32
CA HIS B 132 -2.97 12.98 -9.81
C HIS B 132 -2.78 11.95 -8.70
N SER B 133 -1.55 11.50 -8.56
CA SER B 133 -1.17 10.48 -7.54
C SER B 133 -0.22 11.05 -6.52
N LEU B 134 -0.54 10.83 -5.26
CA LEU B 134 0.34 11.20 -4.17
C LEU B 134 1.21 10.06 -3.83
N THR B 135 2.49 10.33 -3.54
CA THR B 135 3.39 9.32 -3.02
C THR B 135 3.89 9.75 -1.64
N PHE B 136 4.47 8.80 -0.91
CA PHE B 136 4.77 8.99 0.51
C PHE B 136 6.15 8.47 0.86
N ALA B 137 6.79 9.13 1.83
CA ALA B 137 8.07 8.72 2.36
C ALA B 137 7.85 7.55 3.31
N ALA B 138 8.95 6.88 3.61
CA ALA B 138 8.93 5.76 4.55
C ALA B 138 8.29 6.11 5.88
N ASN B 139 8.37 7.37 6.31
CA ASN B 139 7.74 7.83 7.58
C ASN B 139 6.28 8.22 7.48
N GLY B 140 5.70 8.02 6.31
CA GLY B 140 4.27 8.24 6.07
C GLY B 140 3.95 9.62 5.52
N TRP B 141 4.85 10.58 5.64
CA TRP B 141 4.50 11.94 5.13
C TRP B 141 4.48 12.00 3.61
N VAL B 142 3.50 12.74 3.08
CA VAL B 142 3.39 12.89 1.63
C VAL B 142 4.67 13.50 1.09
N GLU B 143 5.05 13.12 -0.11
CA GLU B 143 6.21 13.71 -0.82
C GLU B 143 5.74 15.06 -1.39
N PRO B 144 6.33 16.17 -0.91
CA PRO B 144 5.79 17.52 -1.22
C PRO B 144 5.57 17.83 -2.68
N ALA B 145 6.43 17.32 -3.55
CA ALA B 145 6.27 17.56 -5.00
C ALA B 145 5.05 16.87 -5.61
N THR B 146 4.50 15.83 -4.96
CA THR B 146 3.29 15.22 -5.46
C THR B 146 2.03 15.91 -4.93
N ALA B 147 2.19 16.81 -3.94
CA ALA B 147 1.07 17.52 -3.30
C ALA B 147 1.28 19.03 -3.40
N PRO B 148 1.38 19.56 -4.63
CA PRO B 148 1.69 20.99 -4.76
C PRO B 148 0.52 21.86 -4.37
N ASN B 149 0.83 22.96 -3.67
CA ASN B 149 -0.15 23.97 -3.32
C ASN B 149 -1.33 23.46 -2.50
N PHE B 150 -1.03 22.61 -1.52
CA PHE B 150 -2.07 22.02 -0.66
C PHE B 150 -2.41 22.90 0.53
N GLY B 151 -1.76 24.06 0.63
CA GLY B 151 -2.11 25.09 1.63
C GLY B 151 -2.02 24.44 3.02
N PRO B 152 -3.12 24.40 3.78
CA PRO B 152 -3.01 23.89 5.14
C PRO B 152 -3.17 22.37 5.24
N LEU B 153 -3.37 21.69 4.12
CA LEU B 153 -3.66 20.26 4.15
C LEU B 153 -2.36 19.50 4.30
N LYS B 154 -2.24 18.69 5.35
CA LYS B 154 -1.02 17.96 5.67
C LYS B 154 -1.37 16.51 5.53
N VAL B 155 -0.90 15.88 4.45
CA VAL B 155 -1.34 14.52 4.10
C VAL B 155 -0.34 13.49 4.61
N PHE B 156 -0.87 12.46 5.25
CA PHE B 156 -0.13 11.44 5.96
C PHE B 156 -0.76 10.08 5.68
N TYR B 157 0.11 9.13 5.33
CA TYR B 157 -0.28 7.80 5.05
C TYR B 157 0.16 7.00 6.27
N PRO B 158 -0.79 6.56 7.09
CA PRO B 158 -0.42 5.93 8.35
C PRO B 158 -0.06 4.46 8.25
N GLY B 159 -0.18 3.87 7.04
CA GLY B 159 -0.02 2.44 6.81
C GLY B 159 -1.40 1.76 6.65
N PRO B 160 -1.41 0.49 6.29
CA PRO B 160 -2.67 -0.22 6.02
C PRO B 160 -3.52 -0.39 7.30
N GLY B 161 -4.82 -0.20 7.18
CA GLY B 161 -5.70 -0.34 8.35
C GLY B 161 -7.07 -0.70 7.88
N HIS B 162 -7.92 0.30 7.74
CA HIS B 162 -9.26 0.16 7.17
C HIS B 162 -9.17 -0.38 5.75
N THR B 163 -8.21 0.15 5.00
CA THR B 163 -7.80 -0.40 3.70
C THR B 163 -6.28 -0.27 3.61
N SER B 164 -5.70 -0.89 2.58
CA SER B 164 -4.27 -0.80 2.37
C SER B 164 -3.86 0.62 1.94
N ASP B 165 -4.81 1.40 1.39
CA ASP B 165 -4.48 2.73 0.78
C ASP B 165 -4.91 3.95 1.56
N ASN B 166 -5.58 3.74 2.70
CA ASN B 166 -6.18 4.86 3.46
C ASN B 166 -5.16 5.95 3.83
N ILE B 167 -5.53 7.19 3.55
CA ILE B 167 -4.70 8.31 3.93
C ILE B 167 -5.48 9.16 4.91
N THR B 168 -4.77 10.07 5.56
CA THR B 168 -5.37 10.94 6.53
C THR B 168 -4.89 12.34 6.29
N VAL B 169 -5.63 13.31 6.82
CA VAL B 169 -5.28 14.74 6.55
C VAL B 169 -5.41 15.61 7.83
N GLY B 170 -4.37 16.38 8.14
CA GLY B 170 -4.42 17.40 9.18
C GLY B 170 -4.65 18.75 8.53
N ILE B 171 -5.35 19.63 9.24
CA ILE B 171 -5.54 20.99 8.74
C ILE B 171 -4.71 21.94 9.58
N ASP B 172 -3.63 22.39 9.01
CA ASP B 172 -2.79 23.36 9.67
C ASP B 172 -3.62 24.57 10.07
N GLY B 173 -3.28 25.12 11.23
CA GLY B 173 -3.97 26.29 11.79
C GLY B 173 -5.28 25.97 12.48
N THR B 174 -5.56 24.70 12.77
CA THR B 174 -6.79 24.31 13.44
C THR B 174 -6.46 23.16 14.39
N ASP B 175 -7.44 22.72 15.16
CA ASP B 175 -7.25 21.57 16.04
C ASP B 175 -7.65 20.27 15.34
N ILE B 176 -7.93 20.30 14.02
CA ILE B 176 -8.68 19.25 13.33
C ILE B 176 -7.75 18.30 12.59
N ALA B 177 -7.99 16.99 12.75
CA ALA B 177 -7.40 15.98 11.86
C ALA B 177 -8.46 15.00 11.40
N PHE B 178 -8.36 14.56 10.16
CA PHE B 178 -9.37 13.75 9.51
C PHE B 178 -8.83 12.36 9.35
N GLY B 179 -9.44 11.43 10.06
CA GLY B 179 -9.03 10.02 9.99
C GLY B 179 -9.80 9.21 8.99
N GLY B 180 -10.90 9.73 8.46
CA GLY B 180 -11.64 9.03 7.43
C GLY B 180 -12.26 7.75 8.00
N CYS B 181 -12.25 6.69 7.24
CA CYS B 181 -12.77 5.42 7.75
C CYS B 181 -11.83 4.70 8.71
N LEU B 182 -10.59 5.16 8.87
CA LEU B 182 -9.63 4.47 9.74
C LEU B 182 -9.99 4.51 11.21
N ILE B 183 -10.43 5.69 11.64
CA ILE B 183 -10.77 6.02 13.02
C ILE B 183 -12.26 5.95 13.23
N LYS B 184 -12.65 5.26 14.30
CA LYS B 184 -14.04 5.17 14.80
C LYS B 184 -14.16 6.01 16.04
N ASP B 185 -15.39 6.42 16.38
CA ASP B 185 -15.59 7.25 17.58
C ASP B 185 -15.33 6.49 18.88
N SER B 186 -15.22 7.23 19.98
CA SER B 186 -14.71 6.71 21.25
C SER B 186 -15.68 5.78 21.96
N LYS B 187 -16.95 5.78 21.55
CA LYS B 187 -17.94 4.90 22.10
C LYS B 187 -18.44 3.89 21.06
N ALA B 188 -17.69 3.70 19.95
CA ALA B 188 -18.13 2.77 18.91
C ALA B 188 -18.04 1.32 19.40
N LYS B 189 -19.02 0.51 19.02
CA LYS B 189 -19.04 -0.90 19.38
C LYS B 189 -18.16 -1.75 18.47
N SER B 190 -17.70 -1.20 17.35
CA SER B 190 -16.95 -1.98 16.39
C SER B 190 -16.14 -1.09 15.48
N LEU B 191 -15.34 -1.72 14.63
CA LEU B 191 -14.52 -1.00 13.63
C LEU B 191 -15.19 -0.94 12.27
N GLY B 192 -16.48 -1.32 12.22
CA GLY B 192 -17.31 -1.12 11.03
C GLY B 192 -16.88 -2.11 10.00
N ASN B 193 -16.71 -1.63 8.78
CA ASN B 193 -16.46 -2.51 7.67
C ASN B 193 -14.98 -2.89 7.61
N LEU B 194 -14.71 -4.17 7.95
CA LEU B 194 -13.38 -4.72 7.92
C LEU B 194 -13.15 -5.59 6.69
N GLY B 195 -14.03 -5.54 5.69
CA GLY B 195 -13.89 -6.39 4.50
C GLY B 195 -12.55 -6.25 3.78
N ASP B 196 -12.00 -5.03 3.78
CA ASP B 196 -10.78 -4.70 3.06
C ASP B 196 -9.64 -4.44 4.08
N ALA B 197 -9.89 -4.71 5.36
CA ALA B 197 -8.98 -4.26 6.43
C ALA B 197 -7.72 -5.10 6.51
N ASP B 198 -6.62 -4.49 7.00
CA ASP B 198 -5.41 -5.20 7.32
C ASP B 198 -5.43 -5.40 8.82
N THR B 199 -5.76 -6.61 9.26
CA THR B 199 -5.96 -6.90 10.69
C THR B 199 -4.67 -6.83 11.50
N GLU B 200 -3.58 -7.30 10.94
CA GLU B 200 -2.32 -7.25 11.65
C GLU B 200 -1.85 -5.82 11.94
N HIS B 201 -1.99 -4.91 10.98
CA HIS B 201 -1.39 -3.57 11.06
C HIS B 201 -2.29 -2.46 11.48
N TYR B 202 -3.59 -2.73 11.57
CA TYR B 202 -4.59 -1.69 11.79
C TYR B 202 -4.30 -0.88 13.07
N ALA B 203 -4.06 -1.57 14.17
CA ALA B 203 -3.73 -0.84 15.42
C ALA B 203 -2.55 0.12 15.28
N ALA B 204 -1.46 -0.38 14.71
CA ALA B 204 -0.29 0.45 14.53
C ALA B 204 -0.59 1.65 13.64
N SER B 205 -1.44 1.44 12.61
CA SER B 205 -1.75 2.52 11.67
C SER B 205 -2.61 3.59 12.33
N ALA B 206 -3.61 3.16 13.06
CA ALA B 206 -4.38 4.09 13.86
C ALA B 206 -3.48 4.90 14.82
N ARG B 207 -2.57 4.20 15.51
CA ARG B 207 -1.60 4.86 16.41
C ARG B 207 -0.67 5.83 15.66
N ALA B 208 -0.24 5.44 14.46
CA ALA B 208 0.57 6.30 13.61
C ALA B 208 -0.12 7.60 13.22
N PHE B 209 -1.39 7.51 12.86
CA PHE B 209 -2.20 8.70 12.59
C PHE B 209 -2.20 9.64 13.82
N GLY B 210 -2.54 9.04 14.96
CA GLY B 210 -2.41 9.72 16.24
C GLY B 210 -1.10 10.46 16.47
N ALA B 211 0.01 9.77 16.22
CA ALA B 211 1.33 10.36 16.47
C ALA B 211 1.71 11.42 15.42
N ALA B 212 1.19 11.32 14.20
CA ALA B 212 1.49 12.27 13.11
C ALA B 212 0.85 13.64 13.35
N PHE B 213 -0.31 13.65 14.00
CA PHE B 213 -1.02 14.88 14.37
C PHE B 213 -1.17 14.91 15.89
N PRO B 214 -0.05 14.99 16.61
CA PRO B 214 -0.09 14.87 18.07
C PRO B 214 -0.82 15.97 18.83
N LYS B 215 -0.98 17.15 18.23
CA LYS B 215 -1.68 18.26 18.89
C LYS B 215 -3.20 18.22 18.65
N ALA B 216 -3.65 17.66 17.53
CA ALA B 216 -5.04 17.70 17.13
C ALA B 216 -5.97 17.20 18.28
N SER B 217 -6.98 17.99 18.64
CA SER B 217 -7.97 17.61 19.66
C SER B 217 -9.38 17.30 19.10
N MET B 218 -9.65 17.67 17.84
CA MET B 218 -10.89 17.34 17.11
C MET B 218 -10.65 16.36 15.95
N ILE B 219 -11.06 15.12 16.15
CA ILE B 219 -10.85 14.08 15.16
C ILE B 219 -12.16 13.88 14.35
N VAL B 220 -12.05 14.08 13.04
CA VAL B 220 -13.16 14.00 12.14
C VAL B 220 -13.06 12.63 11.51
N MET B 221 -14.19 11.99 11.35
CA MET B 221 -14.21 10.66 10.78
C MET B 221 -15.38 10.53 9.87
N SER B 222 -15.41 9.41 9.13
CA SER B 222 -16.42 9.18 8.09
C SER B 222 -17.84 8.92 8.55
N HIS B 223 -18.04 8.28 9.70
CA HIS B 223 -19.41 7.84 10.06
C HIS B 223 -19.79 8.18 11.48
N SER B 224 -19.29 9.29 11.97
CA SER B 224 -19.63 9.75 13.30
C SER B 224 -19.29 11.22 13.38
N ALA B 225 -19.90 11.91 14.32
CA ALA B 225 -19.61 13.31 14.57
C ALA B 225 -18.17 13.45 15.04
N PRO B 226 -17.58 14.65 14.88
CA PRO B 226 -16.26 14.85 15.39
C PRO B 226 -16.12 14.45 16.87
N ASP B 227 -14.96 13.88 17.24
CA ASP B 227 -14.76 13.38 18.61
C ASP B 227 -13.41 13.89 19.08
N SER B 228 -13.08 13.54 20.32
CA SER B 228 -11.76 13.83 20.88
C SER B 228 -10.71 12.78 20.46
N ARG B 229 -9.51 12.93 21.00
CA ARG B 229 -8.43 11.97 20.74
C ARG B 229 -8.73 10.57 21.31
N ALA B 230 -9.69 10.43 22.24
CA ALA B 230 -10.13 9.10 22.73
C ALA B 230 -10.64 8.17 21.61
N ALA B 231 -11.17 8.75 20.54
CA ALA B 231 -11.54 8.00 19.34
C ALA B 231 -10.34 7.20 18.78
N ILE B 232 -9.18 7.84 18.79
CA ILE B 232 -7.93 7.20 18.34
C ILE B 232 -7.51 6.03 19.22
N THR B 233 -7.43 6.29 20.53
CA THR B 233 -7.08 5.29 21.52
C THR B 233 -8.06 4.12 21.47
N HIS B 234 -9.35 4.44 21.40
CA HIS B 234 -10.40 3.41 21.44
C HIS B 234 -10.40 2.58 20.13
N THR B 235 -10.20 3.23 18.99
CA THR B 235 -9.98 2.53 17.72
C THR B 235 -8.78 1.56 17.79
N ALA B 236 -7.66 2.02 18.33
CA ALA B 236 -6.47 1.17 18.46
C ALA B 236 -6.67 -0.02 19.39
N ARG B 237 -7.45 0.21 20.46
CA ARG B 237 -7.75 -0.86 21.42
C ARG B 237 -8.60 -1.93 20.73
N MET B 238 -9.62 -1.49 19.99
CA MET B 238 -10.46 -2.44 19.25
C MET B 238 -9.59 -3.22 18.26
N ALA B 239 -8.71 -2.52 17.57
CA ALA B 239 -7.86 -3.15 16.53
C ALA B 239 -6.83 -4.13 17.11
N ASP B 240 -6.35 -3.89 18.32
CA ASP B 240 -5.48 -4.87 19.01
C ASP B 240 -6.13 -6.27 19.11
N LYS B 241 -7.45 -6.31 19.24
CA LYS B 241 -8.19 -7.58 19.38
C LYS B 241 -8.32 -8.33 18.04
N LEU B 242 -7.98 -7.68 16.92
CA LEU B 242 -7.93 -8.32 15.61
C LEU B 242 -6.71 -9.23 15.43
N ARG B 243 -5.62 -8.94 16.15
CA ARG B 243 -4.37 -9.67 15.98
C ARG B 243 -4.26 -10.86 16.98
CD CD C . 6.65 -13.07 2.32
CD CD D . 7.59 -16.28 1.32
CD CD E . 3.21 -9.55 9.16
CL CL F . 7.82 -9.19 -20.52
O72 UNL G . 5.54 -15.13 4.51
C7 UNL G . 6.71 -15.52 4.07
C6 UNL G . 7.29 -16.68 4.89
N4 UNL G . 6.94 -17.77 2.81
C5 UNL G . 7.57 -17.98 4.09
C3 UNL G . 5.82 -18.46 2.44
C2 UNL G . 5.51 -19.46 3.30
S1 UNL G . 6.75 -19.53 4.57
C31 UNL G . 5.04 -17.98 1.30
O71 UNL G . 7.28 -15.01 3.07
O32 UNL G . 3.92 -18.38 1.04
O31 UNL G . 5.65 -17.03 0.64
O3 PG4 H . 2.29 -26.12 -2.77
C5 PG4 H . 1.90 -26.28 -1.41
C6 PG4 H . 2.28 -27.67 -0.91
O4 PG4 H . 3.50 -28.08 -1.53
C7 PG4 H . 3.88 -29.41 -1.17
C8 PG4 H . 5.32 -29.42 -0.66
O5 PG4 H . 6.15 -28.65 -1.53
CD CD I . -12.78 -3.81 -1.87
CD CD J . -13.99 2.82 3.26
CD CD K . -16.45 4.03 5.48
CL CL L . -1.03 18.04 15.26
CL CL M . -20.87 1.16 16.08
O72 UNL N . -16.08 2.76 3.73
C7 UNL N . -16.76 1.73 3.63
C6 UNL N . -18.29 1.73 3.51
N4 UNL N . -18.02 2.49 5.72
C5 UNL N . -19.06 2.27 4.75
C3 UNL N . -18.01 1.89 6.94
C2 UNL N . -19.13 1.20 7.21
S1 UNL N . -20.16 1.19 5.77
C31 UNL N . -16.77 1.95 7.72
O71 UNL N . -16.24 0.54 3.62
O32 UNL N . -15.94 2.85 7.27
O31 UNL N . -16.54 1.21 8.65
O2' TOE O . -38.77 20.35 6.90
CA' TOE O . -37.85 19.41 6.36
CB' TOE O . -38.30 18.96 4.97
OC' TOE O . -37.17 18.47 4.26
CD' TOE O . -37.42 18.25 2.87
CE' TOE O . -36.84 16.89 2.45
OF' TOE O . -35.73 17.10 1.57
CG' TOE O . -35.61 16.12 0.55
CH' TOE O . -34.32 16.44 -0.19
OI' TOE O . -34.16 15.71 -1.41
CK' TOE O . -32.94 16.08 -2.07
C1 EDO P . -34.77 10.76 -2.96
O1 EDO P . -36.01 10.03 -2.99
C2 EDO P . -35.04 12.12 -2.34
O2 EDO P . -33.84 12.64 -1.75
#